data_6BY5
#
_entry.id   6BY5
#
_entity_poly.entity_id   1
_entity_poly.type   'polyribonucleotide'
_entity_poly.pdbx_seq_one_letter_code
;GGCACUUCGGUGCC
;
_entity_poly.pdbx_strand_id   A
#